data_2ZPY
#
_entry.id   2ZPY
#
_cell.length_a   62.700
_cell.length_b   66.182
_cell.length_c   86.217
_cell.angle_alpha   90.00
_cell.angle_beta   90.00
_cell.angle_gamma   90.00
#
_symmetry.space_group_name_H-M   'P 21 21 21'
#
loop_
_entity.id
_entity.type
_entity.pdbx_description
1 polymer Radixin
2 polymer 'CD44 antigen'
3 water water
#
loop_
_entity_poly.entity_id
_entity_poly.type
_entity_poly.pdbx_seq_one_letter_code
_entity_poly.pdbx_strand_id
1 'polypeptide(L)'
;GPMPKPINVRVTTMDAELEFAIQPNTTGKQLFDQVVKTVGLREVWFFGLQYVDSKGYSTWLKLNKKVTQQDVKKENPLQF
KFRAKFFPEDVSEELIQEITQRLFFLQVKEAILNDEIYCPPETAVLLASYAVQAKYGDYNKEIHKPGYLANDRLLPQRVL
EQHKLTKEQWEERIQNWHEEHRGMLREDSMMEYLKIAQDLEMYGVNYFEIKNKKGTELWLGVDALGLNIYEHDDKLTPKI
GFPWSEIRNISFNDKKFVIKPIDKKAPDFVFYAPRLRINKRILALCMGNHELYMRRRKPDTIEVQQMKAQAR
;
A
2 'polypeptide(L)' SRRRCGQKKKLVINGGNGTV B
#
# COMPACT_ATOMS: atom_id res chain seq x y z
N LYS A 5 -18.19 -23.76 -19.09
CA LYS A 5 -16.81 -23.57 -19.59
C LYS A 5 -15.96 -22.79 -18.59
N PRO A 6 -15.07 -23.49 -17.86
CA PRO A 6 -14.20 -22.85 -16.87
C PRO A 6 -13.30 -21.77 -17.44
N ILE A 7 -12.90 -20.84 -16.58
CA ILE A 7 -12.03 -19.73 -16.94
C ILE A 7 -10.78 -19.80 -16.07
N ASN A 8 -9.64 -20.03 -16.70
CA ASN A 8 -8.39 -20.15 -15.96
C ASN A 8 -7.81 -18.81 -15.54
N VAL A 9 -7.44 -18.72 -14.28
CA VAL A 9 -6.88 -17.48 -13.75
C VAL A 9 -5.65 -17.75 -12.88
N ARG A 10 -4.75 -16.80 -12.85
CA ARG A 10 -3.55 -16.93 -12.04
C ARG A 10 -3.50 -15.73 -11.09
N VAL A 11 -3.26 -16.01 -9.80
CA VAL A 11 -3.20 -14.96 -8.80
C VAL A 11 -1.85 -15.02 -8.09
N THR A 12 -1.14 -13.91 -8.06
CA THR A 12 0.15 -13.88 -7.41
C THR A 12 0.15 -12.95 -6.20
N THR A 13 0.61 -13.46 -5.08
CA THR A 13 0.72 -12.69 -3.85
C THR A 13 2.17 -12.27 -3.87
N MET A 14 2.66 -11.62 -2.80
CA MET A 14 4.05 -11.20 -2.78
C MET A 14 5.04 -12.35 -2.89
N ASP A 15 4.65 -13.54 -2.43
CA ASP A 15 5.56 -14.69 -2.50
C ASP A 15 4.96 -16.00 -3.00
N ALA A 16 3.77 -15.97 -3.57
CA ALA A 16 3.16 -17.20 -4.06
C ALA A 16 2.43 -17.01 -5.38
N GLU A 17 2.28 -18.11 -6.12
CA GLU A 17 1.60 -18.10 -7.40
C GLU A 17 0.44 -19.09 -7.28
N LEU A 18 -0.78 -18.59 -7.39
CA LEU A 18 -1.95 -19.44 -7.27
C LEU A 18 -2.68 -19.64 -8.59
N GLU A 19 -3.12 -20.88 -8.81
CA GLU A 19 -3.82 -21.27 -10.04
C GLU A 19 -5.27 -21.66 -9.78
N PHE A 20 -6.19 -20.94 -10.38
CA PHE A 20 -7.60 -21.26 -10.19
C PHE A 20 -8.31 -21.33 -11.54
N ALA A 21 -9.51 -21.87 -11.50
CA ALA A 21 -10.36 -21.98 -12.68
C ALA A 21 -11.73 -21.56 -12.17
N ILE A 22 -12.28 -20.51 -12.77
CA ILE A 22 -13.58 -20.05 -12.35
C ILE A 22 -14.64 -20.23 -13.43
N GLN A 23 -15.90 -20.20 -13.01
CA GLN A 23 -17.02 -20.33 -13.94
C GLN A 23 -17.26 -18.96 -14.58
N PRO A 24 -18.11 -18.91 -15.62
CA PRO A 24 -18.43 -17.66 -16.33
C PRO A 24 -19.09 -16.56 -15.50
N ASN A 25 -19.91 -16.94 -14.54
CA ASN A 25 -20.60 -15.96 -13.70
C ASN A 25 -19.97 -15.74 -12.33
N THR A 26 -18.70 -16.07 -12.18
CA THR A 26 -18.01 -15.89 -10.91
C THR A 26 -17.79 -14.40 -10.64
N THR A 27 -18.08 -13.98 -9.41
CA THR A 27 -17.91 -12.59 -9.01
C THR A 27 -16.52 -12.37 -8.45
N GLY A 28 -16.11 -11.13 -8.35
CA GLY A 28 -14.79 -10.83 -7.80
C GLY A 28 -14.70 -11.35 -6.38
N LYS A 29 -15.79 -11.23 -5.63
CA LYS A 29 -15.83 -11.67 -4.24
C LYS A 29 -15.56 -13.16 -4.10
N GLN A 30 -16.12 -13.95 -5.02
CA GLN A 30 -15.93 -15.39 -4.99
C GLN A 30 -14.50 -15.75 -5.32
N LEU A 31 -13.91 -15.05 -6.27
CA LEU A 31 -12.52 -15.29 -6.62
C LEU A 31 -11.69 -14.89 -5.38
N PHE A 32 -11.94 -13.69 -4.89
CA PHE A 32 -11.24 -13.17 -3.71
C PHE A 32 -11.27 -14.19 -2.56
N ASP A 33 -12.45 -14.70 -2.25
CA ASP A 33 -12.57 -15.65 -1.14
C ASP A 33 -11.77 -16.94 -1.33
N GLN A 34 -11.66 -17.37 -2.58
CA GLN A 34 -10.92 -18.58 -2.86
C GLN A 34 -9.45 -18.32 -2.57
N VAL A 35 -8.99 -17.12 -2.92
CA VAL A 35 -7.61 -16.75 -2.71
C VAL A 35 -7.23 -16.73 -1.24
N VAL A 36 -7.99 -16.00 -0.43
CA VAL A 36 -7.68 -15.90 1.00
C VAL A 36 -7.85 -17.23 1.71
N LYS A 37 -8.75 -18.05 1.19
CA LYS A 37 -8.96 -19.37 1.80
C LYS A 37 -7.72 -20.21 1.54
N THR A 38 -7.21 -20.14 0.31
CA THR A 38 -6.04 -20.92 -0.04
C THR A 38 -4.82 -20.58 0.81
N VAL A 39 -4.56 -19.29 1.04
CA VAL A 39 -3.40 -18.92 1.86
C VAL A 39 -3.72 -18.76 3.34
N GLY A 40 -4.94 -19.13 3.73
CA GLY A 40 -5.34 -19.03 5.12
C GLY A 40 -5.37 -17.63 5.73
N LEU A 41 -5.63 -16.63 4.91
CA LEU A 41 -5.70 -15.24 5.38
C LEU A 41 -7.08 -14.93 5.96
N ARG A 42 -7.13 -14.49 7.21
CA ARG A 42 -8.42 -14.14 7.83
C ARG A 42 -8.58 -12.61 7.96
N GLU A 43 -7.45 -11.89 7.91
CA GLU A 43 -7.44 -10.42 8.02
C GLU A 43 -7.53 -9.88 6.59
N VAL A 44 -8.65 -10.19 5.95
CA VAL A 44 -8.92 -9.87 4.56
C VAL A 44 -9.32 -8.45 4.16
N TRP A 45 -9.84 -7.69 5.11
CA TRP A 45 -10.29 -6.33 4.85
C TRP A 45 -9.27 -5.37 4.25
N PHE A 46 -7.99 -5.67 4.35
CA PHE A 46 -6.98 -4.79 3.80
C PHE A 46 -6.68 -5.04 2.33
N PHE A 47 -6.97 -6.24 1.86
CA PHE A 47 -6.63 -6.66 0.52
C PHE A 47 -7.59 -6.53 -0.66
N GLY A 48 -7.00 -6.63 -1.85
CA GLY A 48 -7.76 -6.56 -3.08
C GLY A 48 -7.02 -7.25 -4.22
N LEU A 49 -7.66 -7.31 -5.39
CA LEU A 49 -7.07 -7.95 -6.54
C LEU A 49 -6.84 -6.93 -7.64
N GLN A 50 -5.61 -6.86 -8.12
CA GLN A 50 -5.26 -5.93 -9.18
C GLN A 50 -5.18 -6.69 -10.49
N TYR A 51 -5.68 -6.07 -11.55
CA TYR A 51 -5.61 -6.67 -12.87
C TYR A 51 -5.33 -5.56 -13.87
N VAL A 52 -5.14 -5.96 -15.11
CA VAL A 52 -4.86 -5.02 -16.19
C VAL A 52 -5.97 -5.13 -17.21
N ASP A 53 -6.52 -4.00 -17.63
CA ASP A 53 -7.62 -4.02 -18.59
C ASP A 53 -7.08 -4.07 -20.02
N SER A 54 -7.99 -4.15 -20.99
CA SER A 54 -7.62 -4.23 -22.41
C SER A 54 -6.78 -3.02 -22.84
N LYS A 55 -7.05 -1.87 -22.25
CA LYS A 55 -6.31 -0.67 -22.60
C LYS A 55 -5.01 -0.54 -21.84
N GLY A 56 -4.61 -1.63 -21.18
CA GLY A 56 -3.36 -1.64 -20.42
C GLY A 56 -3.31 -0.79 -19.17
N TYR A 57 -4.43 -0.67 -18.47
CA TYR A 57 -4.49 0.12 -17.26
C TYR A 57 -4.67 -0.74 -16.02
N SER A 58 -3.84 -0.52 -15.00
CA SER A 58 -3.92 -1.26 -13.75
C SER A 58 -5.22 -0.87 -13.06
N THR A 59 -5.94 -1.86 -12.56
CA THR A 59 -7.22 -1.59 -11.93
C THR A 59 -7.47 -2.57 -10.79
N TRP A 60 -8.27 -2.15 -9.83
CA TRP A 60 -8.63 -3.03 -8.72
C TRP A 60 -9.89 -3.74 -9.17
N LEU A 61 -10.00 -5.02 -8.86
CA LEU A 61 -11.17 -5.81 -9.25
C LEU A 61 -12.36 -5.48 -8.35
N LYS A 62 -13.52 -5.26 -8.96
CA LYS A 62 -14.73 -4.98 -8.19
C LYS A 62 -15.24 -6.33 -7.70
N LEU A 63 -15.44 -6.46 -6.40
CA LEU A 63 -15.88 -7.74 -5.85
C LEU A 63 -17.37 -8.03 -6.04
N ASN A 64 -18.17 -6.99 -6.19
CA ASN A 64 -19.61 -7.17 -6.38
C ASN A 64 -20.00 -7.44 -7.83
N LYS A 65 -19.07 -7.24 -8.76
CA LYS A 65 -19.35 -7.48 -10.17
C LYS A 65 -18.71 -8.77 -10.66
N LYS A 66 -19.31 -9.38 -11.67
CA LYS A 66 -18.76 -10.61 -12.22
C LYS A 66 -17.36 -10.34 -12.77
N VAL A 67 -16.48 -11.32 -12.62
CA VAL A 67 -15.11 -11.17 -13.07
C VAL A 67 -15.08 -10.93 -14.58
N THR A 68 -15.88 -11.71 -15.29
CA THR A 68 -15.96 -11.64 -16.75
C THR A 68 -16.51 -10.32 -17.27
N GLN A 69 -17.19 -9.57 -16.41
CA GLN A 69 -17.78 -8.30 -16.81
C GLN A 69 -16.97 -7.10 -16.35
N GLN A 70 -15.64 -7.15 -16.44
CA GLN A 70 -14.83 -6.03 -16.00
C GLN A 70 -13.66 -5.63 -16.90
N ASP A 71 -13.68 -6.12 -18.14
CA ASP A 71 -12.64 -5.80 -19.13
C ASP A 71 -11.23 -6.19 -18.73
N VAL A 72 -11.07 -7.34 -18.08
CA VAL A 72 -9.76 -7.81 -17.70
C VAL A 72 -9.06 -8.21 -18.99
N LYS A 73 -7.78 -7.85 -19.12
CA LYS A 73 -7.01 -8.18 -20.30
C LYS A 73 -7.25 -9.61 -20.73
N LYS A 74 -7.72 -9.77 -21.96
CA LYS A 74 -8.01 -11.09 -22.52
C LYS A 74 -6.77 -11.95 -22.66
N GLU A 75 -6.77 -13.09 -21.98
CA GLU A 75 -5.66 -14.03 -22.02
C GLU A 75 -5.96 -15.23 -21.14
N ASN A 76 -5.22 -16.30 -21.36
CA ASN A 76 -5.40 -17.54 -20.60
C ASN A 76 -4.07 -17.94 -19.98
N PRO A 77 -3.99 -17.93 -18.64
CA PRO A 77 -5.09 -17.55 -17.75
C PRO A 77 -5.14 -16.04 -17.53
N LEU A 78 -6.23 -15.57 -16.93
CA LEU A 78 -6.35 -14.15 -16.60
C LEU A 78 -5.30 -13.96 -15.50
N GLN A 79 -4.70 -12.77 -15.44
CA GLN A 79 -3.66 -12.48 -14.45
C GLN A 79 -4.07 -11.49 -13.37
N PHE A 80 -3.90 -11.87 -12.12
CA PHE A 80 -4.25 -10.99 -10.99
C PHE A 80 -3.14 -10.92 -9.96
N LYS A 81 -3.03 -9.78 -9.30
CA LYS A 81 -2.07 -9.59 -8.22
C LYS A 81 -2.86 -9.36 -6.95
N PHE A 82 -2.59 -10.18 -5.93
CA PHE A 82 -3.24 -10.04 -4.65
C PHE A 82 -2.33 -9.08 -3.88
N ARG A 83 -2.88 -7.95 -3.44
CA ARG A 83 -2.09 -6.95 -2.73
C ARG A 83 -2.91 -6.18 -1.71
N ALA A 84 -2.21 -5.57 -0.75
CA ALA A 84 -2.91 -4.79 0.26
C ALA A 84 -3.29 -3.45 -0.39
N LYS A 85 -4.59 -3.13 -0.35
CA LYS A 85 -5.09 -1.88 -0.90
C LYS A 85 -5.18 -0.86 0.23
N PHE A 86 -5.40 -1.34 1.45
CA PHE A 86 -5.51 -0.46 2.60
C PHE A 86 -4.46 -0.79 3.68
N PHE A 87 -4.09 0.22 4.46
CA PHE A 87 -3.08 0.05 5.50
C PHE A 87 -3.62 0.32 6.90
N PRO A 88 -3.16 -0.46 7.87
CA PRO A 88 -3.61 -0.28 9.26
C PRO A 88 -3.07 1.01 9.85
N GLU A 89 -3.82 1.57 10.79
CA GLU A 89 -3.38 2.79 11.46
C GLU A 89 -2.14 2.43 12.26
N ASP A 90 -2.06 1.18 12.71
CA ASP A 90 -0.91 0.68 13.45
C ASP A 90 -0.86 -0.83 13.30
N VAL A 91 0.23 -1.34 12.71
CA VAL A 91 0.37 -2.76 12.48
C VAL A 91 0.29 -3.60 13.76
N SER A 92 0.87 -3.08 14.83
CA SER A 92 0.88 -3.79 16.12
C SER A 92 -0.47 -4.27 16.60
N GLU A 93 -1.47 -3.40 16.56
CA GLU A 93 -2.79 -3.76 17.04
C GLU A 93 -3.78 -4.25 15.98
N GLU A 94 -3.31 -4.45 14.75
CA GLU A 94 -4.18 -4.88 13.66
C GLU A 94 -3.76 -6.13 12.89
N LEU A 95 -2.47 -6.40 12.81
CA LEU A 95 -1.98 -7.56 12.09
C LEU A 95 -1.54 -8.65 13.07
N ILE A 96 -2.40 -9.64 13.27
CA ILE A 96 -2.11 -10.73 14.19
C ILE A 96 -1.54 -11.98 13.50
N GLN A 97 -2.06 -12.30 12.31
CA GLN A 97 -1.61 -13.49 11.58
C GLN A 97 -0.25 -13.32 10.94
N GLU A 98 0.52 -14.42 10.91
CA GLU A 98 1.82 -14.42 10.29
C GLU A 98 1.70 -14.19 8.78
N ILE A 99 0.69 -14.78 8.16
CA ILE A 99 0.53 -14.61 6.71
C ILE A 99 0.34 -13.12 6.37
N THR A 100 -0.51 -12.45 7.13
CA THR A 100 -0.80 -11.04 6.93
C THR A 100 0.44 -10.17 7.15
N GLN A 101 1.13 -10.41 8.26
CA GLN A 101 2.33 -9.64 8.59
C GLN A 101 3.34 -9.82 7.45
N ARG A 102 3.48 -11.05 6.96
CA ARG A 102 4.42 -11.37 5.89
C ARG A 102 4.06 -10.64 4.60
N LEU A 103 2.78 -10.66 4.23
CA LEU A 103 2.38 -9.99 3.00
C LEU A 103 2.62 -8.47 3.05
N PHE A 104 2.32 -7.84 4.18
CA PHE A 104 2.55 -6.40 4.31
C PHE A 104 4.04 -6.10 4.32
N PHE A 105 4.78 -6.92 5.06
CA PHE A 105 6.23 -6.78 5.15
C PHE A 105 6.83 -6.80 3.75
N LEU A 106 6.53 -7.84 2.98
CA LEU A 106 7.06 -7.95 1.63
C LEU A 106 6.61 -6.82 0.68
N GLN A 107 5.34 -6.43 0.76
CA GLN A 107 4.86 -5.36 -0.11
C GLN A 107 5.49 -4.01 0.24
N VAL A 108 5.55 -3.72 1.54
CA VAL A 108 6.14 -2.47 2.00
C VAL A 108 7.65 -2.44 1.73
N LYS A 109 8.34 -3.55 1.98
CA LYS A 109 9.78 -3.60 1.75
C LYS A 109 10.08 -3.41 0.27
N GLU A 110 9.22 -3.93 -0.60
CA GLU A 110 9.40 -3.77 -2.03
C GLU A 110 9.29 -2.28 -2.40
N ALA A 111 8.28 -1.62 -1.86
CA ALA A 111 8.06 -0.21 -2.14
C ALA A 111 9.19 0.67 -1.60
N ILE A 112 9.74 0.30 -0.44
CA ILE A 112 10.84 1.07 0.13
C ILE A 112 12.09 0.87 -0.73
N LEU A 113 12.34 -0.37 -1.13
CA LEU A 113 13.50 -0.69 -1.96
C LEU A 113 13.43 -0.05 -3.35
N ASN A 114 12.21 0.11 -3.89
CA ASN A 114 12.03 0.72 -5.21
C ASN A 114 11.98 2.23 -5.13
N ASP A 115 12.22 2.77 -3.95
CA ASP A 115 12.20 4.21 -3.72
C ASP A 115 10.78 4.77 -3.78
N GLU A 116 9.79 3.89 -3.70
CA GLU A 116 8.38 4.28 -3.73
C GLU A 116 8.07 5.14 -2.51
N ILE A 117 8.55 4.69 -1.35
CA ILE A 117 8.34 5.41 -0.09
C ILE A 117 9.70 5.99 0.31
N TYR A 118 9.79 7.31 0.41
CA TYR A 118 11.05 7.92 0.81
C TYR A 118 11.49 7.41 2.20
N CYS A 119 12.77 7.16 2.34
CA CYS A 119 13.32 6.64 3.58
C CYS A 119 14.74 7.17 3.86
N PRO A 120 14.95 7.86 5.00
CA PRO A 120 16.28 8.37 5.33
C PRO A 120 17.30 7.23 5.30
N PRO A 121 18.55 7.52 4.90
CA PRO A 121 19.60 6.49 4.84
C PRO A 121 19.72 5.71 6.15
N GLU A 122 19.78 6.45 7.26
CA GLU A 122 19.90 5.86 8.60
C GLU A 122 18.78 4.83 8.87
N THR A 123 17.56 5.21 8.52
CA THR A 123 16.39 4.36 8.70
C THR A 123 16.44 3.16 7.77
N ALA A 124 16.94 3.37 6.55
CA ALA A 124 17.08 2.30 5.57
C ALA A 124 18.00 1.21 6.08
N VAL A 125 19.02 1.61 6.82
CA VAL A 125 19.97 0.65 7.39
C VAL A 125 19.28 -0.16 8.48
N LEU A 126 18.59 0.52 9.39
CA LEU A 126 17.89 -0.17 10.46
C LEU A 126 16.84 -1.12 9.87
N LEU A 127 16.06 -0.62 8.89
CA LEU A 127 15.06 -1.45 8.24
C LEU A 127 15.69 -2.69 7.61
N ALA A 128 16.79 -2.49 6.88
CA ALA A 128 17.48 -3.62 6.24
C ALA A 128 17.87 -4.63 7.30
N SER A 129 18.28 -4.12 8.45
CA SER A 129 18.69 -4.93 9.59
C SER A 129 17.61 -5.94 10.01
N TYR A 130 16.36 -5.49 10.04
CA TYR A 130 15.29 -6.39 10.43
C TYR A 130 14.99 -7.38 9.32
N ALA A 131 15.10 -6.93 8.09
CA ALA A 131 14.86 -7.80 6.96
C ALA A 131 15.89 -8.94 6.97
N VAL A 132 17.14 -8.62 7.32
CA VAL A 132 18.17 -9.66 7.35
C VAL A 132 17.91 -10.63 8.51
N GLN A 133 17.51 -10.10 9.65
CA GLN A 133 17.22 -10.92 10.82
C GLN A 133 16.06 -11.84 10.44
N ALA A 134 15.07 -11.30 9.74
CA ALA A 134 13.92 -12.10 9.32
C ALA A 134 14.32 -13.19 8.33
N LYS A 135 15.20 -12.85 7.39
CA LYS A 135 15.65 -13.82 6.39
C LYS A 135 16.68 -14.82 6.87
N TYR A 136 17.72 -14.33 7.54
CA TYR A 136 18.79 -15.19 8.02
C TYR A 136 18.64 -15.67 9.44
N GLY A 137 17.82 -15.02 10.24
CA GLY A 137 17.68 -15.41 11.62
C GLY A 137 18.86 -14.83 12.39
N ASP A 138 19.13 -15.37 13.57
CA ASP A 138 20.23 -14.89 14.39
C ASP A 138 21.58 -14.87 13.69
N TYR A 139 22.35 -13.82 13.93
CA TYR A 139 23.68 -13.68 13.35
C TYR A 139 24.60 -14.72 13.99
N ASN A 140 25.30 -15.47 13.15
CA ASN A 140 26.23 -16.49 13.63
C ASN A 140 27.60 -16.34 12.98
N LYS A 141 28.54 -15.77 13.73
CA LYS A 141 29.90 -15.53 13.25
C LYS A 141 30.49 -16.70 12.46
N GLU A 142 30.04 -17.91 12.78
CA GLU A 142 30.53 -19.10 12.10
C GLU A 142 29.92 -19.30 10.73
N ILE A 143 28.66 -18.92 10.55
CA ILE A 143 28.01 -19.09 9.26
C ILE A 143 27.85 -17.78 8.49
N HIS A 144 27.57 -16.70 9.22
CA HIS A 144 27.38 -15.41 8.58
C HIS A 144 28.69 -14.63 8.52
N LYS A 145 29.63 -15.15 7.75
CA LYS A 145 30.93 -14.51 7.61
C LYS A 145 30.83 -13.34 6.64
N PRO A 146 31.73 -12.35 6.76
CA PRO A 146 31.75 -11.17 5.88
C PRO A 146 31.46 -11.48 4.42
N GLY A 147 30.52 -10.73 3.85
CA GLY A 147 30.13 -10.94 2.46
C GLY A 147 28.84 -11.71 2.35
N TYR A 148 28.32 -12.18 3.49
CA TYR A 148 27.09 -12.98 3.49
C TYR A 148 25.88 -12.20 2.99
N LEU A 149 26.02 -10.89 2.85
CA LEU A 149 24.91 -10.05 2.38
C LEU A 149 25.16 -9.52 0.98
N ALA A 150 26.28 -9.93 0.37
CA ALA A 150 26.65 -9.48 -0.96
C ALA A 150 25.57 -9.70 -2.02
N ASN A 151 24.82 -10.78 -1.91
CA ASN A 151 23.78 -11.08 -2.88
C ASN A 151 22.37 -10.61 -2.52
N ASP A 152 22.27 -9.80 -1.47
CA ASP A 152 20.97 -9.27 -1.04
C ASP A 152 20.81 -7.79 -1.38
N ARG A 153 19.65 -7.43 -1.92
CA ARG A 153 19.37 -6.02 -2.19
C ARG A 153 18.78 -5.57 -0.86
N LEU A 154 19.44 -4.64 -0.19
CA LEU A 154 19.00 -4.21 1.13
C LEU A 154 18.62 -2.75 1.29
N LEU A 155 19.16 -1.90 0.44
CA LEU A 155 18.90 -0.46 0.53
C LEU A 155 18.34 0.06 -0.78
N PRO A 156 17.56 1.16 -0.69
CA PRO A 156 17.00 1.73 -1.92
C PRO A 156 18.13 2.41 -2.70
N GLN A 157 17.96 2.50 -4.01
CA GLN A 157 18.96 3.12 -4.87
C GLN A 157 19.28 4.56 -4.47
N ARG A 158 18.25 5.31 -4.10
CA ARG A 158 18.44 6.70 -3.69
C ARG A 158 19.45 6.82 -2.55
N VAL A 159 19.35 5.90 -1.59
CA VAL A 159 20.26 5.91 -0.44
C VAL A 159 21.68 5.62 -0.88
N LEU A 160 21.83 4.60 -1.73
CA LEU A 160 23.14 4.22 -2.24
C LEU A 160 23.81 5.35 -3.01
N GLU A 161 23.03 6.10 -3.77
CA GLU A 161 23.57 7.19 -4.56
C GLU A 161 23.91 8.47 -3.78
N GLN A 162 23.21 8.75 -2.69
CA GLN A 162 23.50 9.95 -1.92
C GLN A 162 24.73 9.75 -1.01
N HIS A 163 24.96 8.51 -0.59
CA HIS A 163 26.09 8.19 0.25
C HIS A 163 26.97 7.20 -0.54
N LYS A 164 28.14 7.67 -0.98
CA LYS A 164 29.08 6.88 -1.78
C LYS A 164 29.83 5.73 -1.09
N LEU A 165 29.21 5.07 -0.12
CA LEU A 165 29.86 3.95 0.55
C LEU A 165 29.87 2.75 -0.38
N THR A 166 30.81 1.84 -0.19
CA THR A 166 30.86 0.64 -1.02
C THR A 166 29.81 -0.31 -0.44
N LYS A 167 29.46 -1.36 -1.18
CA LYS A 167 28.45 -2.29 -0.67
C LYS A 167 28.96 -2.92 0.63
N GLU A 168 30.25 -3.24 0.65
CA GLU A 168 30.87 -3.85 1.83
C GLU A 168 30.66 -2.97 3.05
N GLN A 169 30.84 -1.67 2.88
CA GLN A 169 30.66 -0.73 3.98
C GLN A 169 29.22 -0.66 4.47
N TRP A 170 28.28 -0.69 3.53
CA TRP A 170 26.88 -0.66 3.91
C TRP A 170 26.56 -1.92 4.71
N GLU A 171 27.01 -3.05 4.17
CA GLU A 171 26.78 -4.35 4.80
C GLU A 171 27.33 -4.37 6.22
N GLU A 172 28.47 -3.73 6.42
CA GLU A 172 29.11 -3.66 7.72
C GLU A 172 28.17 -3.00 8.74
N ARG A 173 27.58 -1.87 8.35
CA ARG A 173 26.65 -1.18 9.24
C ARG A 173 25.40 -2.02 9.48
N ILE A 174 24.90 -2.65 8.41
CA ILE A 174 23.72 -3.49 8.50
C ILE A 174 24.00 -4.68 9.45
N GLN A 175 25.17 -5.29 9.30
CA GLN A 175 25.55 -6.42 10.14
C GLN A 175 25.60 -6.07 11.62
N ASN A 176 26.17 -4.90 11.94
CA ASN A 176 26.28 -4.49 13.34
C ASN A 176 24.89 -4.45 13.98
N TRP A 177 23.89 -3.95 13.25
CA TRP A 177 22.53 -3.93 13.76
C TRP A 177 22.01 -5.37 13.83
N HIS A 178 22.26 -6.15 12.79
CA HIS A 178 21.82 -7.55 12.72
C HIS A 178 22.20 -8.31 13.98
N GLU A 179 23.45 -8.17 14.40
CA GLU A 179 23.94 -8.85 15.60
C GLU A 179 23.13 -8.49 16.85
N GLU A 180 22.65 -7.26 16.91
CA GLU A 180 21.88 -6.78 18.06
C GLU A 180 20.47 -7.33 18.15
N HIS A 181 20.01 -7.98 17.08
CA HIS A 181 18.65 -8.51 17.05
C HIS A 181 18.55 -9.99 17.45
N ARG A 182 19.66 -10.58 17.89
CA ARG A 182 19.66 -11.99 18.25
C ARG A 182 18.54 -12.34 19.20
N GLY A 183 17.86 -13.44 18.90
CA GLY A 183 16.74 -13.88 19.73
C GLY A 183 15.40 -13.43 19.17
N MET A 184 15.44 -12.49 18.23
CA MET A 184 14.22 -11.96 17.63
C MET A 184 13.65 -12.93 16.63
N LEU A 185 12.38 -13.30 16.82
CA LEU A 185 11.71 -14.23 15.93
C LEU A 185 11.47 -13.61 14.55
N ARG A 186 11.51 -14.47 13.54
CA ARG A 186 11.27 -14.09 12.16
C ARG A 186 10.06 -13.17 12.01
N GLU A 187 8.93 -13.60 12.58
CA GLU A 187 7.69 -12.82 12.53
C GLU A 187 7.83 -11.51 13.29
N ASP A 188 8.53 -11.53 14.41
CA ASP A 188 8.73 -10.33 15.20
C ASP A 188 9.63 -9.35 14.45
N SER A 189 10.59 -9.89 13.71
CA SER A 189 11.50 -9.05 12.93
C SER A 189 10.70 -8.29 11.88
N MET A 190 9.78 -9.00 11.22
CA MET A 190 8.95 -8.40 10.18
C MET A 190 8.09 -7.29 10.74
N MET A 191 7.55 -7.50 11.94
CA MET A 191 6.72 -6.50 12.58
C MET A 191 7.52 -5.26 12.99
N GLU A 192 8.76 -5.46 13.44
CA GLU A 192 9.61 -4.34 13.83
C GLU A 192 9.89 -3.48 12.59
N TYR A 193 10.11 -4.15 11.47
CA TYR A 193 10.36 -3.49 10.19
C TYR A 193 9.17 -2.57 9.93
N LEU A 194 7.98 -3.17 10.00
CA LEU A 194 6.73 -2.46 9.76
C LEU A 194 6.44 -1.32 10.74
N LYS A 195 6.77 -1.50 12.02
CA LYS A 195 6.56 -0.46 12.99
C LYS A 195 7.38 0.79 12.61
N ILE A 196 8.56 0.57 12.04
CA ILE A 196 9.42 1.66 11.63
C ILE A 196 8.90 2.28 10.32
N ALA A 197 8.66 1.41 9.34
CA ALA A 197 8.16 1.85 8.05
C ALA A 197 6.84 2.61 8.15
N GLN A 198 5.96 2.19 9.06
CA GLN A 198 4.66 2.85 9.16
C GLN A 198 4.72 4.28 9.67
N ASP A 199 5.88 4.70 10.15
CA ASP A 199 6.01 6.07 10.63
C ASP A 199 6.61 6.96 9.55
N LEU A 200 6.96 6.37 8.41
CA LEU A 200 7.50 7.16 7.31
C LEU A 200 6.37 8.04 6.75
N GLU A 201 6.70 9.28 6.39
CA GLU A 201 5.72 10.22 5.85
C GLU A 201 4.89 9.69 4.68
N MET A 202 5.54 9.04 3.73
CA MET A 202 4.85 8.53 2.54
C MET A 202 4.27 7.13 2.68
N TYR A 203 4.41 6.53 3.85
CA TYR A 203 3.86 5.19 4.08
C TYR A 203 2.34 5.22 4.07
N GLY A 204 1.74 4.29 3.33
CA GLY A 204 0.29 4.19 3.27
C GLY A 204 -0.46 5.31 2.59
N VAL A 205 0.22 6.12 1.80
CA VAL A 205 -0.46 7.21 1.13
C VAL A 205 -0.59 6.95 -0.37
N ASN A 206 -1.79 7.17 -0.91
CA ASN A 206 -2.04 7.01 -2.32
C ASN A 206 -2.03 8.44 -2.87
N TYR A 207 -1.08 8.74 -3.74
CA TYR A 207 -0.95 10.08 -4.31
C TYR A 207 -1.55 10.18 -5.71
N PHE A 208 -2.21 11.31 -5.96
CA PHE A 208 -2.83 11.57 -7.25
C PHE A 208 -2.52 12.98 -7.68
N GLU A 209 -2.15 13.16 -8.95
CA GLU A 209 -1.85 14.49 -9.43
C GLU A 209 -3.17 15.24 -9.62
N ILE A 210 -3.24 16.44 -9.09
CA ILE A 210 -4.44 17.26 -9.24
C ILE A 210 -4.04 18.72 -9.39
N LYS A 211 -5.04 19.58 -9.55
CA LYS A 211 -4.82 21.01 -9.67
C LYS A 211 -5.91 21.67 -8.83
N ASN A 212 -5.62 22.86 -8.32
CA ASN A 212 -6.62 23.59 -7.54
C ASN A 212 -7.27 24.59 -8.50
N LYS A 213 -8.19 25.41 -7.99
CA LYS A 213 -8.88 26.40 -8.80
C LYS A 213 -7.97 27.38 -9.54
N LYS A 214 -6.74 27.51 -9.06
CA LYS A 214 -5.79 28.43 -9.69
C LYS A 214 -4.93 27.72 -10.73
N GLY A 215 -5.23 26.45 -10.96
CA GLY A 215 -4.47 25.67 -11.93
C GLY A 215 -3.11 25.23 -11.43
N THR A 216 -2.87 25.43 -10.14
CA THR A 216 -1.59 25.03 -9.55
C THR A 216 -1.54 23.51 -9.45
N GLU A 217 -0.41 22.93 -9.82
CA GLU A 217 -0.25 21.48 -9.75
C GLU A 217 0.02 21.06 -8.32
N LEU A 218 -0.72 20.06 -7.85
CA LEU A 218 -0.56 19.55 -6.50
C LEU A 218 -0.76 18.04 -6.54
N TRP A 219 -0.70 17.44 -5.36
CA TRP A 219 -0.92 16.01 -5.21
C TRP A 219 -2.00 15.85 -4.17
N LEU A 220 -2.90 14.90 -4.41
CA LEU A 220 -3.96 14.61 -3.46
C LEU A 220 -3.46 13.34 -2.81
N GLY A 221 -3.48 13.31 -1.48
CA GLY A 221 -3.04 12.13 -0.78
C GLY A 221 -4.25 11.53 -0.09
N VAL A 222 -4.43 10.22 -0.26
CA VAL A 222 -5.51 9.53 0.41
C VAL A 222 -4.89 8.43 1.28
N ASP A 223 -5.19 8.46 2.58
CA ASP A 223 -4.66 7.45 3.48
C ASP A 223 -5.69 7.05 4.53
N ALA A 224 -5.28 6.18 5.44
CA ALA A 224 -6.16 5.67 6.48
C ALA A 224 -6.87 6.73 7.32
N LEU A 225 -6.24 7.89 7.50
CA LEU A 225 -6.82 8.96 8.33
C LEU A 225 -7.55 10.10 7.62
N GLY A 226 -7.64 10.03 6.29
CA GLY A 226 -8.32 11.10 5.57
C GLY A 226 -7.59 11.52 4.31
N LEU A 227 -7.76 12.79 3.93
CA LEU A 227 -7.14 13.32 2.73
C LEU A 227 -6.19 14.47 3.06
N ASN A 228 -5.18 14.63 2.22
CA ASN A 228 -4.19 15.69 2.36
C ASN A 228 -3.82 16.27 1.01
N ILE A 229 -3.47 17.55 0.99
CA ILE A 229 -3.08 18.22 -0.23
C ILE A 229 -1.60 18.52 -0.09
N TYR A 230 -0.82 18.12 -1.09
CA TYR A 230 0.62 18.36 -1.07
C TYR A 230 1.01 19.27 -2.22
N GLU A 231 2.07 20.05 -2.01
CA GLU A 231 2.59 20.92 -3.06
C GLU A 231 3.27 19.95 -4.02
N HIS A 232 3.24 20.27 -5.30
CA HIS A 232 3.80 19.41 -6.33
C HIS A 232 5.21 18.89 -6.13
N ASP A 233 6.07 19.69 -5.51
CA ASP A 233 7.46 19.29 -5.29
C ASP A 233 7.77 18.78 -3.88
N ASP A 234 6.73 18.55 -3.09
CA ASP A 234 6.93 18.05 -1.73
C ASP A 234 5.82 17.10 -1.29
N LYS A 235 6.09 15.80 -1.41
CA LYS A 235 5.12 14.78 -1.05
C LYS A 235 5.28 14.25 0.37
N LEU A 236 6.12 14.90 1.16
CA LEU A 236 6.34 14.48 2.55
C LEU A 236 5.42 15.18 3.55
N THR A 237 5.37 16.51 3.45
CA THR A 237 4.57 17.31 4.37
C THR A 237 3.37 17.95 3.69
N PRO A 238 2.16 17.63 4.18
CA PRO A 238 0.91 18.17 3.63
C PRO A 238 0.89 19.70 3.62
N LYS A 239 0.24 20.27 2.61
CA LYS A 239 0.10 21.71 2.50
C LYS A 239 -1.10 21.99 3.40
N ILE A 240 -2.08 21.08 3.34
CA ILE A 240 -3.29 21.17 4.13
C ILE A 240 -3.85 19.76 4.41
N GLY A 241 -4.46 19.60 5.59
CA GLY A 241 -5.01 18.31 5.96
C GLY A 241 -6.52 18.30 6.09
N PHE A 242 -7.12 17.15 5.81
CA PHE A 242 -8.56 16.99 5.87
C PHE A 242 -8.95 15.69 6.60
N PRO A 243 -8.70 15.62 7.91
CA PRO A 243 -9.04 14.41 8.66
C PRO A 243 -10.53 14.11 8.50
N TRP A 244 -10.88 12.83 8.54
CA TRP A 244 -12.27 12.43 8.39
C TRP A 244 -13.20 13.26 9.27
N SER A 245 -12.79 13.48 10.51
CA SER A 245 -13.60 14.23 11.48
C SER A 245 -13.89 15.67 11.10
N GLU A 246 -13.12 16.22 10.17
CA GLU A 246 -13.33 17.59 9.73
C GLU A 246 -14.07 17.62 8.42
N ILE A 247 -14.34 16.43 7.87
CA ILE A 247 -15.03 16.34 6.60
C ILE A 247 -16.51 16.06 6.76
N ARG A 248 -17.31 16.92 6.14
CA ARG A 248 -18.76 16.77 6.17
C ARG A 248 -19.03 15.66 5.16
N ASN A 249 -18.70 15.94 3.90
CA ASN A 249 -18.88 14.97 2.83
C ASN A 249 -17.85 15.23 1.73
N ILE A 250 -17.79 14.32 0.76
CA ILE A 250 -16.88 14.42 -0.37
C ILE A 250 -17.64 13.96 -1.61
N SER A 251 -17.51 14.70 -2.70
CA SER A 251 -18.19 14.34 -3.93
C SER A 251 -17.36 14.76 -5.13
N PHE A 252 -17.67 14.19 -6.29
CA PHE A 252 -16.94 14.56 -7.49
C PHE A 252 -17.90 14.64 -8.66
N ASN A 253 -17.65 15.62 -9.53
CA ASN A 253 -18.46 15.82 -10.72
C ASN A 253 -17.54 15.70 -11.90
N ASP A 254 -17.51 14.50 -12.48
CA ASP A 254 -16.65 14.22 -13.62
C ASP A 254 -15.19 14.44 -13.21
N LYS A 255 -14.64 15.62 -13.50
CA LYS A 255 -13.25 15.91 -13.15
C LYS A 255 -13.13 16.79 -11.90
N LYS A 256 -14.26 17.30 -11.42
CA LYS A 256 -14.28 18.16 -10.23
C LYS A 256 -14.35 17.34 -8.96
N PHE A 257 -13.58 17.74 -7.96
CA PHE A 257 -13.58 17.04 -6.68
C PHE A 257 -13.82 18.05 -5.57
N VAL A 258 -14.86 17.85 -4.78
CA VAL A 258 -15.22 18.78 -3.72
C VAL A 258 -15.26 18.22 -2.30
N ILE A 259 -14.64 18.94 -1.37
CA ILE A 259 -14.59 18.55 0.04
C ILE A 259 -15.35 19.53 0.93
N LYS A 260 -16.58 19.20 1.29
CA LYS A 260 -17.37 20.08 2.15
C LYS A 260 -16.96 19.87 3.60
N PRO A 261 -16.37 20.90 4.24
CA PRO A 261 -15.94 20.78 5.63
C PRO A 261 -17.13 20.90 6.59
N ILE A 262 -17.10 20.17 7.69
CA ILE A 262 -18.18 20.22 8.67
C ILE A 262 -18.32 21.67 9.15
N ASP A 263 -17.17 22.26 9.47
CA ASP A 263 -17.07 23.64 9.95
C ASP A 263 -18.01 24.61 9.21
N LYS A 264 -18.42 25.65 9.92
CA LYS A 264 -19.30 26.66 9.35
C LYS A 264 -18.50 27.68 8.55
N LYS A 265 -17.48 28.27 9.20
CA LYS A 265 -16.63 29.26 8.56
C LYS A 265 -16.00 28.70 7.28
N ALA A 266 -15.00 27.84 7.46
CA ALA A 266 -14.29 27.21 6.36
C ALA A 266 -15.18 26.91 5.16
N PRO A 267 -14.80 27.40 3.98
CA PRO A 267 -15.56 27.18 2.75
C PRO A 267 -15.20 25.82 2.17
N ASP A 268 -15.85 25.46 1.06
CA ASP A 268 -15.56 24.19 0.41
C ASP A 268 -14.22 24.27 -0.29
N PHE A 269 -13.66 23.10 -0.58
CA PHE A 269 -12.39 23.01 -1.29
C PHE A 269 -12.61 22.23 -2.56
N VAL A 270 -12.25 22.85 -3.69
CA VAL A 270 -12.41 22.20 -4.98
C VAL A 270 -11.04 21.84 -5.54
N PHE A 271 -10.95 20.71 -6.23
CA PHE A 271 -9.71 20.26 -6.85
C PHE A 271 -10.11 19.56 -8.14
N TYR A 272 -9.24 19.63 -9.15
CA TYR A 272 -9.54 19.00 -10.42
C TYR A 272 -8.59 17.87 -10.77
N ALA A 273 -9.16 16.75 -11.18
CA ALA A 273 -8.39 15.58 -11.58
C ALA A 273 -8.36 15.56 -13.10
N PRO A 274 -7.30 14.99 -13.68
CA PRO A 274 -7.15 14.90 -15.14
C PRO A 274 -8.26 14.07 -15.82
N ARG A 275 -8.47 12.85 -15.34
CA ARG A 275 -9.47 11.96 -15.90
C ARG A 275 -10.51 11.49 -14.88
N LEU A 276 -11.70 11.15 -15.37
CA LEU A 276 -12.77 10.68 -14.51
C LEU A 276 -12.31 9.39 -13.82
N ARG A 277 -11.48 8.62 -14.50
CA ARG A 277 -10.98 7.37 -13.95
C ARG A 277 -10.22 7.64 -12.66
N ILE A 278 -9.52 8.76 -12.63
CA ILE A 278 -8.76 9.13 -11.45
C ILE A 278 -9.73 9.44 -10.31
N ASN A 279 -10.71 10.30 -10.57
CA ASN A 279 -11.67 10.64 -9.53
C ASN A 279 -12.40 9.42 -8.99
N LYS A 280 -12.68 8.46 -9.86
CA LYS A 280 -13.38 7.26 -9.40
C LYS A 280 -12.46 6.49 -8.46
N ARG A 281 -11.17 6.45 -8.81
CA ARG A 281 -10.18 5.76 -7.99
C ARG A 281 -10.07 6.42 -6.63
N ILE A 282 -10.04 7.75 -6.63
CA ILE A 282 -9.94 8.52 -5.40
C ILE A 282 -11.12 8.26 -4.48
N LEU A 283 -12.32 8.38 -5.03
CA LEU A 283 -13.54 8.18 -4.26
C LEU A 283 -13.55 6.78 -3.64
N ALA A 284 -13.16 5.78 -4.44
CA ALA A 284 -13.12 4.40 -3.97
C ALA A 284 -12.16 4.22 -2.78
N LEU A 285 -10.98 4.84 -2.87
CA LEU A 285 -10.02 4.75 -1.77
C LEU A 285 -10.53 5.52 -0.56
N CYS A 286 -11.26 6.60 -0.82
CA CYS A 286 -11.83 7.40 0.27
C CYS A 286 -12.89 6.58 1.00
N MET A 287 -13.76 5.92 0.23
CA MET A 287 -14.81 5.11 0.81
C MET A 287 -14.23 3.96 1.63
N GLY A 288 -13.32 3.20 1.02
CA GLY A 288 -12.72 2.08 1.71
C GLY A 288 -11.95 2.46 2.96
N ASN A 289 -11.16 3.53 2.88
CA ASN A 289 -10.38 3.96 4.03
C ASN A 289 -11.25 4.42 5.18
N HIS A 290 -12.25 5.24 4.87
CA HIS A 290 -13.14 5.74 5.90
C HIS A 290 -13.87 4.59 6.57
N GLU A 291 -14.35 3.65 5.77
CA GLU A 291 -15.06 2.49 6.29
C GLU A 291 -14.22 1.78 7.35
N LEU A 292 -12.97 1.45 7.01
CA LEU A 292 -12.08 0.77 7.93
C LEU A 292 -11.79 1.64 9.14
N TYR A 293 -11.81 2.95 8.93
CA TYR A 293 -11.56 3.91 10.00
C TYR A 293 -12.66 3.75 11.06
N MET A 294 -13.90 3.70 10.60
CA MET A 294 -15.05 3.56 11.48
C MET A 294 -15.19 2.18 12.12
N ARG A 295 -14.67 1.15 11.47
CA ARG A 295 -14.75 -0.19 12.05
C ARG A 295 -13.84 -0.24 13.26
N ARG A 296 -12.73 0.50 13.19
CA ARG A 296 -11.79 0.55 14.30
C ARG A 296 -12.40 1.24 15.50
N ARG A 297 -13.56 1.85 15.30
CA ARG A 297 -14.25 2.54 16.38
C ARG A 297 -15.52 1.85 16.85
N LYS A 298 -16.49 1.68 15.96
CA LYS A 298 -17.75 1.04 16.33
C LYS A 298 -17.86 -0.43 15.94
N PRO A 299 -17.94 -0.74 14.63
CA PRO A 299 -18.05 -2.14 14.20
C PRO A 299 -17.00 -3.08 14.83
N GLN B 7 -19.18 11.72 -14.37
CA GLN B 7 -20.14 11.10 -13.42
C GLN B 7 -20.28 11.92 -12.13
N LYS B 8 -21.35 11.65 -11.39
CA LYS B 8 -21.63 12.33 -10.13
C LYS B 8 -21.77 11.31 -9.00
N LYS B 9 -20.97 11.49 -7.96
CA LYS B 9 -21.00 10.59 -6.80
C LYS B 9 -20.65 11.36 -5.53
N LYS B 10 -21.44 11.15 -4.49
CA LYS B 10 -21.22 11.81 -3.20
C LYS B 10 -20.89 10.78 -2.12
N LEU B 11 -20.17 11.21 -1.10
CA LEU B 11 -19.79 10.33 0.00
C LEU B 11 -19.86 11.05 1.33
N VAL B 12 -20.82 10.65 2.16
CA VAL B 12 -20.97 11.27 3.46
C VAL B 12 -19.93 10.72 4.43
N ILE B 13 -19.26 11.62 5.13
CA ILE B 13 -18.23 11.24 6.09
C ILE B 13 -18.70 11.51 7.52
N ASN B 14 -19.33 12.66 7.72
CA ASN B 14 -19.83 13.05 9.04
C ASN B 14 -21.14 13.79 8.92
N GLY B 15 -21.55 14.45 10.01
CA GLY B 15 -22.80 15.19 10.00
C GLY B 15 -23.97 14.46 10.62
#